data_4RV9
#
_entry.id   4RV9
#
_cell.length_a   134.245
_cell.length_b   134.245
_cell.length_c   130.010
_cell.angle_alpha   90.00
_cell.angle_beta   90.00
_cell.angle_gamma   90.00
#
_symmetry.space_group_name_H-M   'I 41 2 2'
#
loop_
_entity.id
_entity.type
_entity.pdbx_description
1 polymer 'D-mycarose 3-C-methyltransferase'
2 non-polymer 'ZINC ION'
3 non-polymer S-ADENOSYL-L-HOMOCYSTEINE
4 non-polymer 'ACETATE ION'
5 non-polymer 'CHLORIDE ION'
6 water water
#
_entity_poly.entity_id   1
_entity_poly.type   'polypeptide(L)'
_entity_poly.pdbx_seq_one_letter_code
;MDIYGTARAVTTCRMCGAQDWQEVVDFGPVPLADSFLEPAASYDDEPRYPLAVVSCRSCRLMSLTHVVDPEVLYRTYPYT
TSDSETIKKHMGHVVAVCVERFGIPEGSFVLEIGSNTGSQLKAFQNAGMRTLGIDPARNIAAVANERGIETLPEFFSVDT
AALVKKTHGTPQLVLGRHVFAHIDDVSAVAEGVRDLLGPDSLFAIEVPYLVDMLERNEFDTIYHEHLSYIGVGSLVALFR
RHGLRVVDVERLAVHGGSILVFVGLDEGTRATAPVVEELIALEKERGLYEDATYERFARHVAEITAELTSMVRSLRAEGK
RIAGYGAPAKGNTLLNVCGLTADDLEFC(CSO)DTTEFKQGLVLPGTHIPVRSPEYAKTQAIDYYLLLAWNYGEEILAKE
GPFLADGGRFILPNPRPSIVPPGEHHHHHH
;
_entity_poly.pdbx_strand_id   A
#
loop_
_chem_comp.id
_chem_comp.type
_chem_comp.name
_chem_comp.formula
ACT non-polymer 'ACETATE ION' 'C2 H3 O2 -1'
CL non-polymer 'CHLORIDE ION' 'Cl -1'
SAH non-polymer S-ADENOSYL-L-HOMOCYSTEINE 'C14 H20 N6 O5 S'
ZN non-polymer 'ZINC ION' 'Zn 2'
#
# COMPACT_ATOMS: atom_id res chain seq x y z
N THR A 6 16.84 17.17 0.78
CA THR A 6 17.26 15.95 -0.01
C THR A 6 16.09 15.23 -0.74
N ALA A 7 14.84 15.45 -0.31
CA ALA A 7 13.66 14.99 -1.03
C ALA A 7 13.04 16.12 -1.86
N ARG A 8 12.64 15.80 -3.09
CA ARG A 8 12.22 16.81 -4.08
C ARG A 8 10.76 17.22 -3.90
N ALA A 9 10.51 18.53 -3.96
CA ALA A 9 9.17 19.07 -3.79
C ALA A 9 8.32 18.93 -5.05
N VAL A 10 7.06 18.58 -4.86
CA VAL A 10 6.11 18.47 -5.96
C VAL A 10 5.73 19.87 -6.45
N THR A 11 5.62 20.03 -7.76
CA THR A 11 5.14 21.27 -8.37
C THR A 11 3.82 20.99 -9.08
N THR A 12 3.88 20.41 -10.27
CA THR A 12 2.67 20.08 -11.01
C THR A 12 2.14 18.71 -10.61
N CYS A 13 0.85 18.53 -10.88
CA CYS A 13 0.16 17.31 -10.55
C CYS A 13 0.59 16.17 -11.44
N ARG A 14 0.88 15.08 -10.75
CA ARG A 14 1.38 13.86 -11.33
C ARG A 14 0.49 13.28 -12.43
N MET A 15 -0.83 13.35 -12.24
CA MET A 15 -1.80 12.73 -13.14
C MET A 15 -2.28 13.67 -14.27
N CYS A 16 -2.66 14.89 -13.91
CA CYS A 16 -3.32 15.80 -14.88
C CYS A 16 -2.47 17.01 -15.31
N GLY A 17 -1.46 17.35 -14.51
CA GLY A 17 -0.51 18.42 -14.89
C GLY A 17 -0.80 19.81 -14.32
N ALA A 18 -1.92 19.94 -13.63
CA ALA A 18 -2.33 21.23 -13.04
C ALA A 18 -1.48 21.56 -11.82
N GLN A 19 -1.75 22.72 -11.23
CA GLN A 19 -1.05 23.17 -10.03
C GLN A 19 -2.02 24.01 -9.20
N ASP A 20 -2.98 23.32 -8.61
CA ASP A 20 -3.98 23.91 -7.74
C ASP A 20 -4.21 22.95 -6.58
N TRP A 21 -3.38 23.08 -5.56
CA TRP A 21 -3.33 22.16 -4.42
C TRP A 21 -4.01 22.72 -3.18
N GLN A 22 -4.98 21.97 -2.66
CA GLN A 22 -5.51 22.20 -1.32
C GLN A 22 -4.71 21.37 -0.29
N GLU A 23 -4.28 22.02 0.78
CA GLU A 23 -3.61 21.33 1.88
C GLU A 23 -4.64 20.53 2.68
N VAL A 24 -4.31 19.28 2.99
CA VAL A 24 -5.24 18.42 3.76
C VAL A 24 -4.70 18.11 5.15
N VAL A 25 -3.47 17.60 5.23
CA VAL A 25 -2.84 17.33 6.53
C VAL A 25 -1.31 17.38 6.40
N ASP A 26 -0.66 17.79 7.49
CA ASP A 26 0.79 17.94 7.57
C ASP A 26 1.29 17.38 8.89
N PHE A 27 2.09 16.31 8.80
CA PHE A 27 2.61 15.61 9.98
C PHE A 27 4.03 16.05 10.33
N GLY A 28 4.58 16.97 9.56
CA GLY A 28 5.91 17.51 9.81
C GLY A 28 7.01 16.58 9.33
N PRO A 29 8.24 16.78 9.83
CA PRO A 29 9.33 15.87 9.50
C PRO A 29 9.14 14.52 10.20
N VAL A 30 9.20 13.44 9.43
CA VAL A 30 8.96 12.08 9.92
C VAL A 30 9.98 11.13 9.28
N PRO A 31 10.53 10.18 10.07
CA PRO A 31 11.49 9.24 9.47
C PRO A 31 10.84 8.22 8.52
N LEU A 32 11.66 7.60 7.68
CA LEU A 32 11.14 6.68 6.67
C LEU A 32 10.59 5.42 7.34
N ALA A 33 9.36 5.08 6.96
CA ALA A 33 8.57 4.02 7.60
C ALA A 33 9.17 2.61 7.47
N ASP A 34 9.93 2.36 6.41
CA ASP A 34 10.61 1.06 6.23
C ASP A 34 12.11 1.10 6.57
N SER A 35 12.56 2.16 7.27
CA SER A 35 13.95 2.27 7.75
C SER A 35 14.05 1.89 9.21
N PHE A 36 14.10 0.60 9.46
CA PHE A 36 14.25 0.05 10.80
C PHE A 36 15.72 0.19 11.20
N LEU A 37 15.97 0.37 12.49
CA LEU A 37 17.31 0.69 12.97
C LEU A 37 17.89 -0.36 13.90
N GLU A 38 19.21 -0.50 13.86
CA GLU A 38 19.94 -1.24 14.88
C GLU A 38 19.75 -0.52 16.21
N PRO A 39 19.57 -1.27 17.31
CA PRO A 39 19.49 -0.59 18.60
C PRO A 39 20.78 0.17 18.91
N ALA A 40 20.65 1.35 19.50
CA ALA A 40 21.80 2.18 19.81
C ALA A 40 21.49 3.13 20.96
N ALA A 41 22.54 3.71 21.52
CA ALA A 41 22.43 4.64 22.64
C ALA A 41 21.68 5.92 22.23
N SER A 42 21.97 6.41 21.03
CA SER A 42 21.32 7.61 20.51
C SER A 42 20.94 7.45 19.04
N TYR A 43 20.02 8.30 18.60
CA TYR A 43 19.50 8.27 17.22
C TYR A 43 19.41 9.69 16.65
N ASP A 44 20.46 10.47 16.89
CA ASP A 44 20.48 11.90 16.56
C ASP A 44 20.56 12.20 15.06
N ASP A 45 21.23 11.31 14.32
CA ASP A 45 21.39 11.45 12.87
C ASP A 45 20.34 10.69 12.06
N GLU A 46 19.24 10.25 12.69
CA GLU A 46 18.17 9.55 11.97
C GLU A 46 17.53 10.49 10.95
N PRO A 47 17.59 10.14 9.65
CA PRO A 47 17.01 11.04 8.65
C PRO A 47 15.50 11.20 8.78
N ARG A 48 15.03 12.42 8.59
CA ARG A 48 13.60 12.75 8.60
C ARG A 48 13.26 13.53 7.34
N TYR A 49 12.03 13.37 6.88
CA TYR A 49 11.56 14.03 5.67
C TYR A 49 10.18 14.58 5.94
N PRO A 50 9.80 15.68 5.26
CA PRO A 50 8.48 16.25 5.48
C PRO A 50 7.39 15.31 4.95
N LEU A 51 6.40 15.05 5.79
CA LEU A 51 5.29 14.16 5.44
C LEU A 51 3.99 14.93 5.49
N ALA A 52 3.48 15.28 4.31
CA ALA A 52 2.25 16.07 4.21
C ALA A 52 1.54 15.74 2.91
N VAL A 53 0.22 15.90 2.89
CA VAL A 53 -0.57 15.60 1.70
C VAL A 53 -1.36 16.80 1.20
N VAL A 54 -1.52 16.87 -0.11
CA VAL A 54 -2.28 17.91 -0.77
C VAL A 54 -3.20 17.26 -1.78
N SER A 55 -4.32 17.94 -2.06
CA SER A 55 -5.33 17.43 -2.99
C SER A 55 -5.44 18.33 -4.22
N CYS A 56 -5.28 17.73 -5.40
CA CYS A 56 -5.35 18.47 -6.65
C CYS A 56 -6.81 18.78 -7.00
N ARG A 57 -7.15 20.07 -7.06
CA ARG A 57 -8.53 20.50 -7.36
C ARG A 57 -8.98 20.19 -8.79
N SER A 58 -8.05 20.00 -9.72
CA SER A 58 -8.40 19.61 -11.10
C SER A 58 -8.93 18.18 -11.19
N CYS A 59 -8.11 17.20 -10.79
CA CYS A 59 -8.45 15.76 -10.91
C CYS A 59 -8.66 15.02 -9.58
N ARG A 60 -8.33 15.69 -8.47
CA ARG A 60 -8.48 15.12 -7.11
C ARG A 60 -7.62 13.88 -6.80
N LEU A 61 -6.46 13.81 -7.43
CA LEU A 61 -5.38 13.02 -6.89
C LEU A 61 -5.05 13.63 -5.55
N MET A 62 -4.84 12.79 -4.56
CA MET A 62 -4.21 13.21 -3.33
C MET A 62 -2.74 12.78 -3.41
N SER A 63 -1.84 13.69 -3.07
CA SER A 63 -0.41 13.48 -3.25
C SER A 63 0.35 13.97 -2.05
N LEU A 64 1.51 13.35 -1.80
CA LEU A 64 2.46 13.89 -0.85
C LEU A 64 3.07 15.17 -1.42
N THR A 65 3.49 16.07 -0.53
CA THR A 65 4.15 17.32 -0.95
C THR A 65 5.56 17.07 -1.51
N HIS A 66 6.17 15.96 -1.10
CA HIS A 66 7.55 15.66 -1.48
C HIS A 66 7.74 14.21 -1.95
N VAL A 67 8.72 14.03 -2.83
CA VAL A 67 9.06 12.73 -3.40
C VAL A 67 10.45 12.33 -2.89
N VAL A 68 10.51 11.36 -1.98
CA VAL A 68 11.80 10.84 -1.51
C VAL A 68 12.44 10.05 -2.66
N ASP A 69 13.76 10.12 -2.78
CA ASP A 69 14.47 9.52 -3.92
C ASP A 69 14.19 8.01 -4.05
N PRO A 70 13.67 7.56 -5.22
CA PRO A 70 13.36 6.13 -5.41
C PRO A 70 14.58 5.19 -5.32
N GLU A 71 15.75 5.66 -5.74
CA GLU A 71 17.00 4.90 -5.57
C GLU A 71 17.28 4.63 -4.09
N VAL A 72 17.00 5.63 -3.25
CA VAL A 72 17.20 5.49 -1.80
C VAL A 72 16.21 4.51 -1.18
N LEU A 73 14.96 4.58 -1.63
CA LEU A 73 13.90 3.73 -1.10
C LEU A 73 14.03 2.26 -1.51
N TYR A 74 14.27 2.03 -2.80
CA TYR A 74 13.98 0.72 -3.40
C TYR A 74 15.18 -0.15 -3.78
N ARG A 75 16.35 0.45 -3.92
CA ARG A 75 17.50 -0.29 -4.44
C ARG A 75 17.94 -1.43 -3.50
N THR A 76 17.68 -1.26 -2.20
CA THR A 76 17.77 -2.34 -1.22
C THR A 76 16.52 -2.35 -0.37
N TYR A 77 15.49 -3.04 -0.85
CA TYR A 77 14.18 -3.06 -0.19
C TYR A 77 14.08 -4.33 0.66
N PRO A 78 13.48 -4.23 1.85
CA PRO A 78 13.31 -5.42 2.67
C PRO A 78 12.18 -6.32 2.17
N TYR A 79 12.34 -7.62 2.38
CA TYR A 79 11.37 -8.60 1.87
C TYR A 79 11.12 -9.73 2.84
N THR A 80 10.15 -10.56 2.48
CA THR A 80 9.88 -11.83 3.17
C THR A 80 9.85 -12.95 2.12
N THR A 81 10.33 -14.12 2.52
CA THR A 81 10.37 -15.27 1.61
C THR A 81 9.16 -16.18 1.81
N SER A 82 8.33 -15.85 2.78
CA SER A 82 7.20 -16.71 3.15
C SER A 82 5.91 -15.92 3.19
N ASP A 83 5.05 -16.14 2.20
CA ASP A 83 3.82 -15.39 2.12
C ASP A 83 2.68 -16.12 2.84
N SER A 84 1.86 -15.35 3.53
CA SER A 84 0.73 -15.89 4.27
C SER A 84 -0.32 -16.46 3.32
N GLU A 85 -1.23 -17.24 3.88
CA GLU A 85 -2.32 -17.85 3.12
C GLU A 85 -3.30 -16.79 2.60
N THR A 86 -3.44 -15.69 3.34
CA THR A 86 -4.27 -14.57 2.90
C THR A 86 -3.71 -13.92 1.63
N ILE A 87 -2.39 -13.71 1.62
CA ILE A 87 -1.69 -13.11 0.49
C ILE A 87 -1.74 -14.05 -0.71
N LYS A 88 -1.43 -15.32 -0.48
CA LYS A 88 -1.47 -16.35 -1.53
C LYS A 88 -2.85 -16.47 -2.15
N LYS A 89 -3.88 -16.39 -1.32
CA LYS A 89 -5.27 -16.46 -1.79
C LYS A 89 -5.64 -15.24 -2.64
N HIS A 90 -5.19 -14.07 -2.21
CA HIS A 90 -5.46 -12.86 -2.97
C HIS A 90 -4.71 -12.86 -4.31
N MET A 91 -3.47 -13.35 -4.32
CA MET A 91 -2.71 -13.48 -5.56
C MET A 91 -3.38 -14.45 -6.54
N GLY A 92 -3.96 -15.52 -6.02
CA GLY A 92 -4.74 -16.46 -6.83
C GLY A 92 -6.00 -15.83 -7.40
N HIS A 93 -6.63 -14.99 -6.60
CA HIS A 93 -7.81 -14.26 -7.05
C HIS A 93 -7.51 -13.25 -8.15
N VAL A 94 -6.38 -12.55 -8.02
CA VAL A 94 -5.93 -11.61 -9.07
C VAL A 94 -5.80 -12.32 -10.42
N VAL A 95 -5.12 -13.46 -10.41
CA VAL A 95 -4.99 -14.33 -11.59
C VAL A 95 -6.36 -14.65 -12.16
N ALA A 96 -7.24 -15.16 -11.32
CA ALA A 96 -8.58 -15.58 -11.76
C ALA A 96 -9.33 -14.43 -12.42
N VAL A 97 -9.31 -13.26 -11.80
CA VAL A 97 -9.99 -12.09 -12.37
C VAL A 97 -9.39 -11.67 -13.71
N CYS A 98 -8.07 -11.52 -13.78
CA CYS A 98 -7.40 -11.09 -15.01
C CYS A 98 -7.66 -12.07 -16.16
N VAL A 99 -7.46 -13.35 -15.90
CA VAL A 99 -7.57 -14.40 -16.93
C VAL A 99 -9.01 -14.68 -17.35
N GLU A 100 -9.91 -14.85 -16.38
CA GLU A 100 -11.30 -15.19 -16.68
C GLU A 100 -12.14 -14.03 -17.17
N ARG A 101 -11.98 -12.84 -16.60
CA ARG A 101 -12.79 -11.69 -17.01
C ARG A 101 -12.50 -11.28 -18.46
N PHE A 102 -11.27 -11.48 -18.90
CA PHE A 102 -10.83 -11.01 -20.21
C PHE A 102 -10.39 -12.13 -21.16
N GLY A 103 -10.60 -13.38 -20.76
CA GLY A 103 -10.35 -14.53 -21.61
C GLY A 103 -8.93 -14.67 -22.10
N ILE A 104 -7.96 -14.61 -21.19
CA ILE A 104 -6.56 -14.68 -21.58
C ILE A 104 -6.18 -16.15 -21.77
N PRO A 105 -5.78 -16.53 -22.99
CA PRO A 105 -5.48 -17.95 -23.22
C PRO A 105 -4.22 -18.41 -22.51
N GLU A 106 -4.13 -19.71 -22.27
CA GLU A 106 -2.92 -20.30 -21.74
C GLU A 106 -1.76 -20.07 -22.71
N GLY A 107 -0.57 -19.90 -22.16
CA GLY A 107 0.61 -19.61 -22.96
C GLY A 107 0.80 -18.13 -23.25
N SER A 108 -0.13 -17.29 -22.80
CA SER A 108 -0.01 -15.84 -22.96
C SER A 108 1.10 -15.29 -22.08
N PHE A 109 1.53 -14.07 -22.41
CA PHE A 109 2.66 -13.43 -21.76
C PHE A 109 2.18 -12.39 -20.75
N VAL A 110 2.63 -12.52 -19.51
CA VAL A 110 2.27 -11.58 -18.45
C VAL A 110 3.52 -10.91 -17.92
N LEU A 111 3.52 -9.58 -17.97
CA LEU A 111 4.63 -8.78 -17.47
C LEU A 111 4.19 -8.13 -16.17
N GLU A 112 5.01 -8.27 -15.13
CA GLU A 112 4.68 -7.61 -13.85
C GLU A 112 5.72 -6.58 -13.41
N ILE A 113 5.23 -5.39 -13.13
CA ILE A 113 6.02 -4.28 -12.62
C ILE A 113 5.97 -4.33 -11.11
N GLY A 114 7.12 -4.25 -10.45
CA GLY A 114 7.19 -4.34 -9.00
C GLY A 114 6.92 -5.75 -8.52
N SER A 115 7.44 -6.71 -9.30
CA SER A 115 7.20 -8.14 -9.09
C SER A 115 7.82 -8.73 -7.81
N ASN A 116 8.76 -8.00 -7.21
CA ASN A 116 9.25 -8.35 -5.87
C ASN A 116 9.82 -9.79 -5.88
N THR A 117 9.47 -10.63 -4.91
CA THR A 117 10.00 -12.01 -4.86
C THR A 117 9.48 -12.91 -5.98
N GLY A 118 8.42 -12.49 -6.66
CA GLY A 118 7.93 -13.19 -7.86
C GLY A 118 6.78 -14.16 -7.62
N SER A 119 6.19 -14.11 -6.43
CA SER A 119 5.09 -14.99 -6.05
C SER A 119 3.85 -14.78 -6.90
N GLN A 120 3.52 -13.54 -7.19
CA GLN A 120 2.39 -13.24 -8.05
C GLN A 120 2.60 -13.83 -9.46
N LEU A 121 3.82 -13.70 -10.00
CA LEU A 121 4.16 -14.31 -11.29
C LEU A 121 4.11 -15.83 -11.26
N LYS A 122 4.60 -16.40 -10.17
CA LYS A 122 4.55 -17.86 -9.97
C LYS A 122 3.11 -18.36 -10.11
N ALA A 123 2.17 -17.60 -9.57
CA ALA A 123 0.75 -17.94 -9.66
C ALA A 123 0.25 -17.88 -11.11
N PHE A 124 0.74 -16.92 -11.90
CA PHE A 124 0.42 -16.86 -13.33
C PHE A 124 1.02 -18.02 -14.10
N GLN A 125 2.22 -18.44 -13.72
CA GLN A 125 2.86 -19.60 -14.34
C GLN A 125 2.06 -20.87 -14.05
N ASN A 126 1.60 -21.01 -12.80
CA ASN A 126 0.76 -22.16 -12.46
C ASN A 126 -0.54 -22.19 -13.27
N ALA A 127 -1.06 -21.02 -13.64
CA ALA A 127 -2.19 -20.93 -14.57
C ALA A 127 -1.80 -21.06 -16.05
N GLY A 128 -0.56 -21.47 -16.34
CA GLY A 128 -0.09 -21.75 -17.71
C GLY A 128 0.42 -20.55 -18.52
N MET A 129 0.81 -19.47 -17.84
CA MET A 129 1.30 -18.27 -18.53
C MET A 129 2.82 -18.16 -18.57
N ARG A 130 3.32 -17.51 -19.62
CA ARG A 130 4.70 -17.00 -19.71
C ARG A 130 4.78 -15.73 -18.89
N THR A 131 5.88 -15.52 -18.16
CA THR A 131 6.00 -14.30 -17.36
C THR A 131 7.37 -13.62 -17.49
N LEU A 132 7.40 -12.35 -17.10
CA LEU A 132 8.65 -11.65 -16.80
C LEU A 132 8.37 -10.61 -15.73
N GLY A 133 9.32 -10.41 -14.83
CA GLY A 133 9.20 -9.40 -13.77
C GLY A 133 10.13 -8.23 -14.01
N ILE A 134 9.80 -7.10 -13.39
CA ILE A 134 10.65 -5.91 -13.37
C ILE A 134 10.58 -5.34 -11.96
N ASP A 135 11.72 -5.30 -11.27
CA ASP A 135 11.80 -4.78 -9.91
C ASP A 135 13.22 -4.27 -9.61
N PRO A 136 13.35 -3.00 -9.18
CA PRO A 136 14.67 -2.39 -8.97
C PRO A 136 15.42 -2.89 -7.73
N ALA A 137 14.72 -3.50 -6.78
CA ALA A 137 15.34 -4.01 -5.55
C ALA A 137 16.25 -5.19 -5.88
N ARG A 138 17.56 -4.92 -5.92
CA ARG A 138 18.55 -5.89 -6.41
C ARG A 138 18.60 -7.14 -5.54
N ASN A 139 18.52 -6.94 -4.23
CA ASN A 139 18.48 -8.04 -3.30
C ASN A 139 17.29 -8.97 -3.58
N ILE A 140 16.12 -8.38 -3.79
CA ILE A 140 14.89 -9.14 -3.97
C ILE A 140 14.87 -9.81 -5.34
N ALA A 141 15.33 -9.09 -6.36
CA ALA A 141 15.34 -9.60 -7.73
C ALA A 141 16.26 -10.81 -7.90
N ALA A 142 17.37 -10.80 -7.18
CA ALA A 142 18.31 -11.92 -7.24
C ALA A 142 17.67 -13.17 -6.63
N VAL A 143 16.90 -12.97 -5.56
CA VAL A 143 16.11 -14.06 -4.95
C VAL A 143 15.11 -14.62 -5.96
N ALA A 144 14.34 -13.74 -6.60
CA ALA A 144 13.35 -14.17 -7.59
C ALA A 144 14.01 -14.93 -8.74
N ASN A 145 15.10 -14.36 -9.26
CA ASN A 145 15.88 -15.04 -10.31
C ASN A 145 16.42 -16.40 -9.88
N GLU A 146 16.91 -16.48 -8.65
CA GLU A 146 17.39 -17.75 -8.10
C GLU A 146 16.27 -18.80 -8.12
N ARG A 147 15.07 -18.41 -7.69
CA ARG A 147 13.91 -19.32 -7.60
C ARG A 147 13.40 -19.79 -8.96
N GLY A 148 13.83 -19.12 -10.04
CA GLY A 148 13.37 -19.42 -11.40
C GLY A 148 12.31 -18.48 -11.93
N ILE A 149 12.17 -17.30 -11.33
CA ILE A 149 11.23 -16.29 -11.84
C ILE A 149 12.03 -15.14 -12.47
N GLU A 150 12.22 -15.19 -13.78
CA GLU A 150 13.02 -14.18 -14.49
C GLU A 150 12.52 -12.75 -14.20
N THR A 151 13.44 -11.93 -13.73
CA THR A 151 13.17 -10.58 -13.24
C THR A 151 14.28 -9.60 -13.66
N LEU A 152 13.91 -8.50 -14.32
CA LEU A 152 14.85 -7.43 -14.64
C LEU A 152 15.04 -6.55 -13.40
N PRO A 153 16.28 -6.44 -12.90
CA PRO A 153 16.54 -5.64 -11.70
C PRO A 153 16.58 -4.13 -12.00
N GLU A 154 15.50 -3.60 -12.59
CA GLU A 154 15.43 -2.20 -12.99
C GLU A 154 14.09 -1.57 -12.63
N PHE A 155 14.07 -0.24 -12.63
CA PHE A 155 12.83 0.52 -12.55
C PHE A 155 12.15 0.38 -13.90
N PHE A 156 10.82 0.40 -13.89
CA PHE A 156 10.08 0.42 -15.15
C PHE A 156 10.26 1.81 -15.76
N SER A 157 10.42 1.84 -17.08
CA SER A 157 10.59 3.08 -17.84
C SER A 157 10.23 2.81 -19.29
N VAL A 158 10.20 3.87 -20.09
CA VAL A 158 9.93 3.74 -21.53
C VAL A 158 11.02 2.89 -22.21
N ASP A 159 12.26 3.03 -21.76
CA ASP A 159 13.39 2.27 -22.31
C ASP A 159 13.35 0.78 -21.92
N THR A 160 13.03 0.47 -20.67
CA THR A 160 12.88 -0.92 -20.23
C THR A 160 11.70 -1.56 -20.97
N ALA A 161 10.62 -0.81 -21.15
CA ALA A 161 9.49 -1.29 -21.93
C ALA A 161 9.93 -1.75 -23.31
N ALA A 162 10.69 -0.89 -24.01
CA ALA A 162 11.20 -1.24 -25.33
C ALA A 162 12.11 -2.49 -25.30
N LEU A 163 12.95 -2.62 -24.29
CA LEU A 163 13.78 -3.82 -24.16
C LEU A 163 12.94 -5.10 -23.98
N VAL A 164 11.85 -4.99 -23.22
CA VAL A 164 10.95 -6.12 -23.01
C VAL A 164 10.30 -6.55 -24.32
N LYS A 165 9.70 -5.59 -25.02
CA LYS A 165 9.06 -5.88 -26.30
C LYS A 165 10.02 -6.54 -27.29
N LYS A 166 11.24 -6.01 -27.39
CA LYS A 166 12.26 -6.55 -28.27
C LYS A 166 12.61 -8.01 -27.97
N THR A 167 12.82 -8.31 -26.68
CA THR A 167 13.31 -9.63 -26.28
C THR A 167 12.22 -10.63 -25.89
N HIS A 168 11.06 -10.12 -25.45
CA HIS A 168 10.02 -11.00 -24.90
C HIS A 168 8.68 -10.92 -25.62
N GLY A 169 8.47 -9.86 -26.40
CA GLY A 169 7.28 -9.75 -27.22
C GLY A 169 6.21 -8.89 -26.57
N THR A 170 5.01 -8.98 -27.13
CA THR A 170 3.89 -8.17 -26.70
C THR A 170 3.19 -8.91 -25.57
N PRO A 171 3.09 -8.29 -24.39
CA PRO A 171 2.36 -8.94 -23.30
C PRO A 171 0.85 -8.83 -23.51
N GLN A 172 0.13 -9.91 -23.20
CA GLN A 172 -1.33 -9.89 -23.14
C GLN A 172 -1.76 -9.12 -21.89
N LEU A 173 -0.93 -9.13 -20.86
CA LEU A 173 -1.24 -8.45 -19.61
C LEU A 173 0.00 -7.82 -18.98
N VAL A 174 -0.12 -6.55 -18.60
CA VAL A 174 0.90 -5.91 -17.79
C VAL A 174 0.29 -5.61 -16.41
N LEU A 175 0.92 -6.11 -15.36
CA LEU A 175 0.38 -5.98 -14.00
C LEU A 175 1.26 -5.14 -13.09
N GLY A 176 0.64 -4.24 -12.34
CA GLY A 176 1.32 -3.52 -11.27
C GLY A 176 0.49 -3.57 -9.99
N ARG A 177 0.98 -4.31 -9.00
CA ARG A 177 0.28 -4.46 -7.72
C ARG A 177 0.89 -3.56 -6.67
N HIS A 178 0.15 -2.52 -6.30
CA HIS A 178 0.53 -1.50 -5.30
C HIS A 178 1.61 -0.51 -5.75
N VAL A 179 2.54 -1.00 -6.55
CA VAL A 179 3.66 -0.21 -7.08
C VAL A 179 3.27 1.11 -7.75
N PHE A 180 2.12 1.16 -8.41
CA PHE A 180 1.73 2.35 -9.16
C PHE A 180 1.64 3.61 -8.30
N ALA A 181 1.24 3.44 -7.05
CA ALA A 181 1.14 4.55 -6.10
C ALA A 181 2.52 4.96 -5.57
N HIS A 182 3.53 4.15 -5.87
CA HIS A 182 4.91 4.42 -5.43
C HIS A 182 5.76 5.17 -6.48
N ILE A 183 5.21 5.42 -7.66
CA ILE A 183 5.98 5.96 -8.79
C ILE A 183 5.65 7.43 -9.01
N ASP A 184 6.68 8.27 -9.05
CA ASP A 184 6.49 9.71 -9.26
C ASP A 184 6.11 9.99 -10.70
N ASP A 185 6.92 9.49 -11.64
CA ASP A 185 6.70 9.76 -13.06
C ASP A 185 5.74 8.72 -13.68
N VAL A 186 4.48 8.89 -13.33
CA VAL A 186 3.41 8.00 -13.80
C VAL A 186 3.13 8.24 -15.28
N SER A 187 3.46 9.44 -15.75
CA SER A 187 3.36 9.77 -17.16
C SER A 187 4.28 8.87 -18.01
N ALA A 188 5.50 8.67 -17.55
CA ALA A 188 6.44 7.75 -18.20
C ALA A 188 5.94 6.30 -18.20
N VAL A 189 5.36 5.88 -17.07
CA VAL A 189 4.79 4.53 -16.97
C VAL A 189 3.70 4.36 -18.01
N ALA A 190 2.79 5.32 -18.09
CA ALA A 190 1.71 5.28 -19.07
C ALA A 190 2.23 5.16 -20.52
N GLU A 191 3.35 5.83 -20.79
CA GLU A 191 3.94 5.83 -22.12
C GLU A 191 4.61 4.50 -22.44
N GLY A 192 5.37 3.97 -21.48
CA GLY A 192 5.97 2.64 -21.64
C GLY A 192 4.91 1.55 -21.85
N VAL A 193 3.80 1.67 -21.12
CA VAL A 193 2.68 0.75 -21.25
C VAL A 193 2.05 0.85 -22.64
N ARG A 194 1.75 2.07 -23.08
CA ARG A 194 1.18 2.28 -24.42
C ARG A 194 2.00 1.57 -25.49
N ASP A 195 3.32 1.75 -25.43
CA ASP A 195 4.25 1.12 -26.38
C ASP A 195 4.15 -0.41 -26.33
N LEU A 196 3.98 -0.95 -25.13
CA LEU A 196 3.96 -2.40 -24.90
C LEU A 196 2.65 -3.06 -25.35
N LEU A 197 1.54 -2.37 -25.14
CA LEU A 197 0.22 -2.94 -25.38
C LEU A 197 -0.06 -3.21 -26.86
N GLY A 198 -0.55 -4.40 -27.15
CA GLY A 198 -1.18 -4.70 -28.42
C GLY A 198 -2.66 -4.34 -28.37
N PRO A 199 -3.38 -4.58 -29.48
CA PRO A 199 -4.79 -4.20 -29.60
C PRO A 199 -5.72 -4.71 -28.47
N ASP A 200 -5.57 -5.95 -28.02
CA ASP A 200 -6.39 -6.45 -26.91
C ASP A 200 -5.63 -6.65 -25.58
N SER A 201 -4.41 -6.10 -25.47
CA SER A 201 -3.63 -6.18 -24.26
C SER A 201 -4.24 -5.31 -23.17
N LEU A 202 -4.00 -5.68 -21.92
CA LEU A 202 -4.47 -4.89 -20.77
C LEU A 202 -3.34 -4.56 -19.81
N PHE A 203 -3.45 -3.37 -19.21
CA PHE A 203 -2.61 -2.93 -18.10
C PHE A 203 -3.51 -2.96 -16.87
N ALA A 204 -3.08 -3.66 -15.84
CA ALA A 204 -3.87 -3.76 -14.60
C ALA A 204 -3.08 -3.23 -13.44
N ILE A 205 -3.69 -2.36 -12.64
CA ILE A 205 -3.08 -1.84 -11.43
C ILE A 205 -3.99 -1.97 -10.22
N GLU A 206 -3.40 -2.41 -9.12
CA GLU A 206 -4.12 -2.53 -7.85
C GLU A 206 -3.54 -1.52 -6.89
N VAL A 207 -4.38 -0.59 -6.43
CA VAL A 207 -3.95 0.42 -5.49
C VAL A 207 -5.01 0.60 -4.40
N PRO A 208 -4.59 1.07 -3.21
CA PRO A 208 -5.60 1.46 -2.21
C PRO A 208 -6.55 2.48 -2.80
N TYR A 209 -7.81 2.40 -2.42
CA TYR A 209 -8.84 3.26 -3.00
C TYR A 209 -9.07 4.48 -2.12
N LEU A 210 -8.88 5.66 -2.70
CA LEU A 210 -9.04 6.92 -1.98
C LEU A 210 -10.39 7.04 -1.27
N VAL A 211 -11.45 6.54 -1.90
CA VAL A 211 -12.78 6.59 -1.30
C VAL A 211 -12.76 5.91 0.06
N ASP A 212 -12.25 4.67 0.08
CA ASP A 212 -12.14 3.90 1.32
C ASP A 212 -11.25 4.58 2.35
N MET A 213 -10.11 5.08 1.87
CA MET A 213 -9.17 5.78 2.74
C MET A 213 -9.82 6.94 3.49
N LEU A 214 -10.60 7.75 2.77
CA LEU A 214 -11.29 8.89 3.37
C LEU A 214 -12.37 8.44 4.35
N GLU A 215 -13.24 7.55 3.89
CA GLU A 215 -14.39 7.14 4.68
C GLU A 215 -14.04 6.31 5.92
N ARG A 216 -12.90 5.61 5.89
CA ARG A 216 -12.44 4.81 7.03
C ARG A 216 -11.26 5.45 7.77
N ASN A 217 -10.98 6.71 7.48
CA ASN A 217 -9.94 7.47 8.20
C ASN A 217 -8.58 6.78 8.27
N GLU A 218 -8.13 6.23 7.15
CA GLU A 218 -6.91 5.41 7.12
C GLU A 218 -5.66 6.26 6.87
N PHE A 219 -5.41 7.18 7.79
CA PHE A 219 -4.31 8.14 7.66
C PHE A 219 -2.94 7.49 7.86
N ASP A 220 -2.92 6.32 8.50
CA ASP A 220 -1.66 5.60 8.69
C ASP A 220 -1.08 5.03 7.38
N THR A 221 -1.90 4.92 6.32
CA THR A 221 -1.38 4.55 4.99
C THR A 221 -0.63 5.69 4.32
N ILE A 222 -0.63 6.86 4.94
CA ILE A 222 0.18 7.98 4.48
C ILE A 222 1.61 7.76 4.95
N TYR A 223 2.48 7.43 4.01
CA TYR A 223 3.91 7.41 4.29
C TYR A 223 4.68 7.60 3.01
N HIS A 224 5.98 7.87 3.15
CA HIS A 224 6.78 8.47 2.07
C HIS A 224 6.83 7.66 0.79
N GLU A 225 6.76 6.34 0.91
CA GLU A 225 6.71 5.46 -0.25
C GLU A 225 5.44 5.66 -1.05
N HIS A 226 4.35 5.98 -0.36
CA HIS A 226 3.07 6.22 -1.02
C HIS A 226 2.97 7.67 -1.46
N LEU A 227 3.33 7.92 -2.71
CA LEU A 227 3.35 9.26 -3.26
C LEU A 227 1.96 9.70 -3.62
N SER A 228 1.16 8.74 -4.09
CA SER A 228 -0.20 8.99 -4.59
C SER A 228 -1.24 8.25 -3.76
N TYR A 229 -2.44 8.83 -3.68
CA TYR A 229 -3.61 8.20 -3.06
C TYR A 229 -4.77 8.43 -4.02
N ILE A 230 -5.23 7.34 -4.61
CA ILE A 230 -5.83 7.36 -5.94
C ILE A 230 -7.30 6.96 -5.97
N GLY A 231 -8.08 7.75 -6.72
CA GLY A 231 -9.42 7.40 -7.15
C GLY A 231 -9.46 7.22 -8.66
N VAL A 232 -10.57 6.70 -9.17
CA VAL A 232 -10.71 6.41 -10.61
C VAL A 232 -10.63 7.69 -11.46
N GLY A 233 -11.19 8.77 -10.95
CA GLY A 233 -11.19 10.05 -11.65
C GLY A 233 -9.79 10.49 -12.08
N SER A 234 -8.86 10.48 -11.14
CA SER A 234 -7.49 10.91 -11.41
C SER A 234 -6.79 10.02 -12.42
N LEU A 235 -7.11 8.73 -12.41
CA LEU A 235 -6.55 7.77 -13.38
C LEU A 235 -7.08 8.00 -14.80
N VAL A 236 -8.38 8.28 -14.92
CA VAL A 236 -8.94 8.66 -16.22
C VAL A 236 -8.26 9.92 -16.75
N ALA A 237 -8.08 10.91 -15.88
CA ALA A 237 -7.41 12.16 -16.29
C ALA A 237 -6.00 11.87 -16.83
N LEU A 238 -5.27 11.00 -16.14
CA LEU A 238 -3.93 10.61 -16.57
C LEU A 238 -3.94 9.86 -17.89
N PHE A 239 -4.73 8.79 -17.96
CA PHE A 239 -4.69 7.89 -19.11
C PHE A 239 -5.27 8.50 -20.39
N ARG A 240 -6.18 9.47 -20.25
CA ARG A 240 -6.67 10.33 -21.35
C ARG A 240 -5.52 10.90 -22.16
N ARG A 241 -4.49 11.36 -21.46
CA ARG A 241 -3.39 12.09 -22.06
C ARG A 241 -2.31 11.19 -22.67
N HIS A 242 -2.52 9.88 -22.65
CA HIS A 242 -1.50 8.95 -23.13
C HIS A 242 -2.06 7.83 -24.00
N GLY A 243 -3.15 8.12 -24.71
CA GLY A 243 -3.75 7.17 -25.65
C GLY A 243 -4.28 5.89 -25.02
N LEU A 244 -4.59 5.93 -23.73
CA LEU A 244 -5.07 4.76 -23.00
C LEU A 244 -6.45 5.05 -22.46
N ARG A 245 -7.25 4.00 -22.32
CA ARG A 245 -8.62 4.13 -21.82
C ARG A 245 -8.84 3.14 -20.67
N VAL A 246 -9.46 3.63 -19.59
CA VAL A 246 -9.84 2.77 -18.47
C VAL A 246 -11.05 1.97 -18.90
N VAL A 247 -10.93 0.64 -18.89
CA VAL A 247 -11.98 -0.25 -19.41
C VAL A 247 -12.80 -0.98 -18.34
N ASP A 248 -12.24 -1.20 -17.16
CA ASP A 248 -12.93 -1.95 -16.12
C ASP A 248 -12.29 -1.73 -14.75
N VAL A 249 -13.10 -1.91 -13.70
CA VAL A 249 -12.66 -1.74 -12.32
C VAL A 249 -13.37 -2.73 -11.40
N GLU A 250 -12.60 -3.42 -10.57
CA GLU A 250 -13.14 -4.22 -9.46
C GLU A 250 -12.70 -3.64 -8.12
N ARG A 251 -13.67 -3.41 -7.23
CA ARG A 251 -13.39 -3.00 -5.85
C ARG A 251 -13.08 -4.23 -5.01
N LEU A 252 -12.10 -4.10 -4.10
CA LEU A 252 -11.64 -5.22 -3.27
C LEU A 252 -11.42 -4.76 -1.84
N ALA A 253 -11.66 -5.65 -0.89
CA ALA A 253 -11.54 -5.33 0.55
C ALA A 253 -10.10 -5.34 1.05
N VAL A 254 -9.17 -5.86 0.24
CA VAL A 254 -7.78 -6.02 0.66
C VAL A 254 -7.10 -4.66 0.90
N HIS A 255 -6.17 -4.66 1.84
CA HIS A 255 -5.38 -3.48 2.20
C HIS A 255 -6.26 -2.27 2.55
N GLY A 256 -7.32 -2.54 3.31
CA GLY A 256 -8.23 -1.48 3.77
C GLY A 256 -9.11 -0.88 2.68
N GLY A 257 -9.35 -1.65 1.62
CA GLY A 257 -10.17 -1.20 0.50
C GLY A 257 -9.32 -0.75 -0.68
N SER A 258 -9.37 -1.48 -1.77
CA SER A 258 -8.54 -1.24 -2.95
C SER A 258 -9.37 -1.31 -4.22
N ILE A 259 -8.76 -0.86 -5.32
CA ILE A 259 -9.33 -1.00 -6.65
C ILE A 259 -8.33 -1.66 -7.59
N LEU A 260 -8.83 -2.63 -8.36
CA LEU A 260 -8.08 -3.26 -9.43
C LEU A 260 -8.60 -2.71 -10.75
N VAL A 261 -7.79 -1.86 -11.38
CA VAL A 261 -8.20 -1.10 -12.56
C VAL A 261 -7.58 -1.67 -13.83
N PHE A 262 -8.41 -1.92 -14.83
CA PHE A 262 -7.94 -2.41 -16.13
C PHE A 262 -7.96 -1.30 -17.17
N VAL A 263 -6.87 -1.21 -17.92
CA VAL A 263 -6.65 -0.13 -18.88
C VAL A 263 -6.19 -0.74 -20.21
N GLY A 264 -6.72 -0.21 -21.30
CA GLY A 264 -6.34 -0.66 -22.65
C GLY A 264 -6.01 0.53 -23.55
N LEU A 265 -5.54 0.23 -24.76
CA LEU A 265 -5.32 1.26 -25.78
C LEU A 265 -6.64 1.90 -26.13
N ASP A 266 -6.64 3.21 -26.30
CA ASP A 266 -7.89 3.94 -26.58
C ASP A 266 -8.61 3.37 -27.80
N GLU A 267 -7.86 3.05 -28.84
CA GLU A 267 -8.42 2.48 -30.08
C GLU A 267 -8.21 0.97 -30.19
N GLY A 268 -8.18 0.29 -29.03
CA GLY A 268 -8.03 -1.15 -28.98
C GLY A 268 -9.37 -1.86 -28.91
N THR A 269 -9.33 -3.18 -28.77
CA THR A 269 -10.51 -4.04 -28.84
C THR A 269 -11.37 -4.02 -27.58
N ARG A 270 -10.83 -3.55 -26.46
CA ARG A 270 -11.51 -3.67 -25.17
C ARG A 270 -12.52 -2.54 -24.98
N ALA A 271 -13.80 -2.91 -24.87
CA ALA A 271 -14.88 -1.95 -24.63
C ALA A 271 -14.87 -1.47 -23.18
N THR A 272 -15.32 -0.24 -22.94
CA THR A 272 -15.39 0.31 -21.59
C THR A 272 -16.68 -0.16 -20.92
N ALA A 273 -16.53 -0.88 -19.80
CA ALA A 273 -17.66 -1.35 -19.01
C ALA A 273 -18.25 -0.21 -18.17
N PRO A 274 -19.56 -0.29 -17.86
CA PRO A 274 -20.27 0.81 -17.19
C PRO A 274 -19.79 1.14 -15.76
N VAL A 275 -19.22 0.15 -15.07
CA VAL A 275 -18.69 0.36 -13.71
C VAL A 275 -17.71 1.55 -13.60
N VAL A 276 -16.99 1.84 -14.68
CA VAL A 276 -16.02 2.93 -14.68
C VAL A 276 -16.72 4.25 -14.37
N GLU A 277 -17.73 4.57 -15.17
CA GLU A 277 -18.54 5.77 -14.97
C GLU A 277 -19.30 5.76 -13.64
N GLU A 278 -19.74 4.57 -13.21
CA GLU A 278 -20.43 4.44 -11.92
C GLU A 278 -19.55 4.87 -10.74
N LEU A 279 -18.28 4.47 -10.78
CA LEU A 279 -17.34 4.81 -9.71
C LEU A 279 -16.99 6.30 -9.69
N ILE A 280 -16.87 6.89 -10.88
CA ILE A 280 -16.63 8.33 -11.00
C ILE A 280 -17.84 9.11 -10.47
N ALA A 281 -19.04 8.69 -10.83
CA ALA A 281 -20.27 9.29 -10.29
C ALA A 281 -20.34 9.12 -8.77
N LEU A 282 -19.94 7.95 -8.28
CA LEU A 282 -19.88 7.69 -6.84
C LEU A 282 -18.92 8.64 -6.13
N GLU A 283 -17.73 8.81 -6.69
CA GLU A 283 -16.70 9.70 -6.13
C GLU A 283 -17.18 11.16 -6.02
N LYS A 284 -17.89 11.63 -7.05
CA LYS A 284 -18.58 12.91 -6.97
C LYS A 284 -19.60 12.91 -5.83
N GLU A 285 -20.51 11.94 -5.86
CA GLU A 285 -21.56 11.81 -4.86
C GLU A 285 -21.03 11.82 -3.41
N ARG A 286 -19.86 11.23 -3.18
CA ARG A 286 -19.28 11.15 -1.85
C ARG A 286 -18.35 12.31 -1.50
N GLY A 287 -18.28 13.31 -2.38
CA GLY A 287 -17.68 14.60 -2.03
C GLY A 287 -16.19 14.73 -2.30
N LEU A 288 -15.64 13.85 -3.13
CA LEU A 288 -14.20 13.87 -3.40
C LEU A 288 -13.74 15.15 -4.11
N TYR A 289 -14.66 15.90 -4.71
CA TYR A 289 -14.32 17.15 -5.39
C TYR A 289 -14.57 18.41 -4.55
N GLU A 290 -14.89 18.25 -3.27
CA GLU A 290 -15.20 19.38 -2.40
C GLU A 290 -14.19 19.55 -1.28
N ASP A 291 -13.78 20.79 -1.06
CA ASP A 291 -12.77 21.10 -0.04
C ASP A 291 -13.17 20.64 1.36
N ALA A 292 -14.48 20.70 1.65
CA ALA A 292 -15.00 20.34 2.97
C ALA A 292 -14.64 18.90 3.35
N THR A 293 -14.76 17.99 2.38
CA THR A 293 -14.43 16.58 2.57
C THR A 293 -13.03 16.41 3.16
N TYR A 294 -12.06 17.11 2.62
CA TYR A 294 -10.66 16.98 3.03
C TYR A 294 -10.36 17.69 4.36
N GLU A 295 -11.10 18.76 4.63
CA GLU A 295 -11.06 19.42 5.94
C GLU A 295 -11.66 18.48 6.99
N ARG A 296 -12.73 17.79 6.61
CA ARG A 296 -13.36 16.78 7.45
C ARG A 296 -12.40 15.61 7.76
N PHE A 297 -11.68 15.16 6.74
CA PHE A 297 -10.64 14.13 6.91
C PHE A 297 -9.62 14.56 7.95
N ALA A 298 -9.11 15.78 7.80
CA ALA A 298 -8.09 16.35 8.69
C ALA A 298 -8.51 16.37 10.15
N ARG A 299 -9.75 16.73 10.43
CA ARG A 299 -10.19 16.78 11.82
C ARG A 299 -10.44 15.36 12.36
N HIS A 300 -10.95 14.46 11.53
CA HIS A 300 -11.07 13.06 11.94
C HIS A 300 -9.71 12.54 12.40
N VAL A 301 -8.67 12.81 11.60
CA VAL A 301 -7.31 12.42 11.94
C VAL A 301 -6.87 12.97 13.30
N ALA A 302 -7.13 14.25 13.52
CA ALA A 302 -6.81 14.90 14.80
C ALA A 302 -7.58 14.25 15.93
N GLU A 303 -8.86 13.98 15.69
CA GLU A 303 -9.73 13.32 16.66
C GLU A 303 -9.30 11.88 17.00
N ILE A 304 -8.93 11.12 15.97
CA ILE A 304 -8.54 9.72 16.15
C ILE A 304 -7.17 9.62 16.83
N THR A 305 -6.24 10.45 16.37
CA THR A 305 -4.91 10.56 16.95
C THR A 305 -4.92 10.89 18.45
N ALA A 306 -5.75 11.84 18.83
CA ALA A 306 -5.87 12.24 20.23
C ALA A 306 -6.50 11.11 21.05
N GLU A 307 -7.59 10.58 20.53
CA GLU A 307 -8.35 9.52 21.21
C GLU A 307 -7.52 8.25 21.39
N LEU A 308 -6.73 7.92 20.38
CA LEU A 308 -5.91 6.73 20.42
C LEU A 308 -4.83 6.86 21.48
N THR A 309 -4.14 8.00 21.46
CA THR A 309 -3.10 8.29 22.44
C THR A 309 -3.62 8.24 23.89
N SER A 310 -4.77 8.87 24.12
CA SER A 310 -5.34 8.94 25.47
C SER A 310 -5.81 7.57 25.97
N MET A 311 -6.33 6.75 25.06
CA MET A 311 -6.75 5.40 25.39
C MET A 311 -5.56 4.56 25.85
N VAL A 312 -4.49 4.61 25.07
CA VAL A 312 -3.29 3.85 25.40
C VAL A 312 -2.75 4.31 26.76
N ARG A 313 -2.60 5.62 26.93
CA ARG A 313 -2.02 6.18 28.17
C ARG A 313 -2.89 5.99 29.41
N SER A 314 -4.21 6.05 29.23
CA SER A 314 -5.15 5.74 30.30
C SER A 314 -5.00 4.29 30.79
N LEU A 315 -4.92 3.35 29.85
CA LEU A 315 -4.73 1.94 30.19
C LEU A 315 -3.36 1.68 30.84
N ARG A 316 -2.34 2.38 30.36
CA ARG A 316 -1.00 2.30 30.94
C ARG A 316 -0.98 2.79 32.40
N ALA A 317 -1.62 3.93 32.65
CA ALA A 317 -1.72 4.50 34.00
C ALA A 317 -2.44 3.55 34.97
N GLU A 318 -3.35 2.74 34.44
CA GLU A 318 -4.03 1.72 35.23
C GLU A 318 -3.18 0.46 35.44
N GLY A 319 -1.96 0.46 34.93
CA GLY A 319 -1.05 -0.67 35.10
C GLY A 319 -1.26 -1.81 34.11
N LYS A 320 -1.93 -1.53 32.98
CA LYS A 320 -2.08 -2.53 31.91
C LYS A 320 -0.86 -2.46 30.98
N ARG A 321 -0.40 -3.63 30.55
CA ARG A 321 0.73 -3.72 29.63
C ARG A 321 0.24 -3.73 28.17
N ILE A 322 0.91 -2.97 27.32
CA ILE A 322 0.49 -2.80 25.93
C ILE A 322 1.66 -3.05 24.99
N ALA A 323 1.37 -3.74 23.88
CA ALA A 323 2.34 -3.99 22.84
C ALA A 323 1.70 -3.79 21.47
N GLY A 324 2.53 -3.69 20.44
CA GLY A 324 2.05 -3.63 19.06
C GLY A 324 2.00 -5.00 18.41
N TYR A 325 0.92 -5.28 17.69
CA TYR A 325 0.81 -6.52 16.92
C TYR A 325 1.11 -6.21 15.45
N GLY A 326 2.27 -6.65 15.01
CA GLY A 326 2.81 -6.32 13.69
C GLY A 326 3.75 -5.11 13.76
N ALA A 327 4.67 -5.02 12.79
CA ALA A 327 5.46 -3.81 12.58
C ALA A 327 5.44 -3.38 11.12
N PRO A 328 4.23 -3.17 10.56
CA PRO A 328 4.16 -2.76 9.17
C PRO A 328 4.53 -1.29 8.99
N ALA A 329 4.81 -0.90 7.75
CA ALA A 329 5.13 0.50 7.42
C ALA A 329 4.10 1.47 7.99
N LYS A 330 2.82 1.15 7.81
CA LYS A 330 1.74 2.04 8.28
C LYS A 330 1.70 2.19 9.79
N GLY A 331 2.12 1.15 10.50
CA GLY A 331 2.22 1.22 11.95
C GLY A 331 3.16 2.34 12.39
N ASN A 332 4.21 2.59 11.61
CA ASN A 332 5.18 3.62 11.95
C ASN A 332 4.66 5.04 11.75
N THR A 333 3.80 5.24 10.75
CA THR A 333 3.09 6.51 10.64
C THR A 333 2.21 6.71 11.88
N LEU A 334 1.42 5.70 12.21
CA LEU A 334 0.51 5.77 13.36
C LEU A 334 1.23 6.15 14.65
N LEU A 335 2.29 5.42 14.97
CA LEU A 335 3.01 5.60 16.23
C LEU A 335 3.73 6.94 16.29
N ASN A 336 4.35 7.35 15.18
CA ASN A 336 5.03 8.65 15.13
C ASN A 336 4.05 9.80 15.28
N VAL A 337 3.00 9.78 14.47
CA VAL A 337 1.96 10.81 14.51
C VAL A 337 1.29 10.90 15.90
N CYS A 338 1.11 9.76 16.55
CA CYS A 338 0.49 9.74 17.89
C CYS A 338 1.47 10.12 19.01
N GLY A 339 2.77 10.13 18.70
CA GLY A 339 3.81 10.42 19.68
C GLY A 339 4.01 9.32 20.71
N LEU A 340 3.77 8.07 20.31
CA LEU A 340 3.95 6.94 21.23
C LEU A 340 5.41 6.50 21.28
N THR A 341 5.81 5.99 22.44
CA THR A 341 7.19 5.61 22.73
C THR A 341 7.23 4.22 23.36
N ALA A 342 8.43 3.73 23.68
CA ALA A 342 8.61 2.47 24.41
C ALA A 342 7.95 2.43 25.80
N ASP A 343 7.66 3.59 26.36
CA ASP A 343 6.88 3.70 27.60
C ASP A 343 5.41 3.42 27.39
N ASP A 344 4.94 3.59 26.16
CA ASP A 344 3.56 3.32 25.79
C ASP A 344 3.40 1.89 25.26
N LEU A 345 4.19 1.53 24.25
CA LEU A 345 4.21 0.14 23.75
C LEU A 345 5.57 -0.47 24.04
N GLU A 346 5.59 -1.53 24.84
CA GLU A 346 6.88 -2.08 25.25
C GLU A 346 7.60 -2.82 24.13
N PHE A 347 6.84 -3.35 23.16
CA PHE A 347 7.43 -3.83 21.90
C PHE A 347 6.36 -3.94 20.81
N CYS A 348 6.81 -4.23 19.59
CA CYS A 348 5.92 -4.64 18.51
C CYS A 348 6.38 -6.01 18.01
N CSO A 349 5.49 -6.99 18.05
CA CSO A 349 5.81 -8.34 17.59
CB CSO A 349 5.01 -9.42 18.33
SG CSO A 349 3.30 -9.52 17.91
C CSO A 349 5.67 -8.38 16.09
O CSO A 349 4.75 -7.78 15.54
OD CSO A 349 3.09 -11.21 17.51
N ASP A 350 6.57 -9.08 15.41
CA ASP A 350 6.48 -9.26 13.97
C ASP A 350 7.12 -10.58 13.53
N THR A 351 6.46 -11.27 12.60
CA THR A 351 6.94 -12.55 12.07
C THR A 351 8.09 -12.41 11.07
N THR A 352 8.39 -11.19 10.65
CA THR A 352 9.48 -10.97 9.68
C THR A 352 10.83 -10.99 10.40
N GLU A 353 11.62 -12.00 10.05
CA GLU A 353 12.85 -12.33 10.75
C GLU A 353 13.85 -11.19 10.87
N PHE A 354 14.16 -10.54 9.75
CA PHE A 354 15.17 -9.49 9.74
C PHE A 354 14.76 -8.31 10.64
N LYS A 355 13.46 -8.11 10.85
CA LYS A 355 12.97 -7.03 11.73
C LYS A 355 13.19 -7.37 13.20
N GLN A 356 13.19 -8.65 13.54
CA GLN A 356 13.32 -9.09 14.92
C GLN A 356 14.69 -8.68 15.47
N GLY A 357 14.70 -7.92 16.56
CA GLY A 357 15.94 -7.40 17.14
C GLY A 357 16.26 -5.97 16.71
N LEU A 358 15.54 -5.47 15.70
CA LEU A 358 15.67 -4.08 15.30
C LEU A 358 14.74 -3.21 16.13
N VAL A 359 14.74 -1.93 15.81
CA VAL A 359 13.96 -0.92 16.51
C VAL A 359 13.23 -0.06 15.47
N LEU A 360 12.03 0.43 15.82
CA LEU A 360 11.18 1.18 14.87
C LEU A 360 11.71 2.58 14.58
N PRO A 361 11.49 3.09 13.35
CA PRO A 361 11.92 4.45 13.05
C PRO A 361 11.16 5.50 13.88
N GLY A 362 11.91 6.43 14.46
CA GLY A 362 11.33 7.57 15.18
C GLY A 362 11.03 7.27 16.63
N THR A 363 10.12 6.33 16.84
CA THR A 363 9.65 5.96 18.17
C THR A 363 10.66 5.06 18.88
N HIS A 364 11.47 4.38 18.07
CA HIS A 364 12.53 3.49 18.57
C HIS A 364 12.02 2.35 19.48
N ILE A 365 10.78 1.92 19.27
CA ILE A 365 10.20 0.79 20.00
C ILE A 365 10.82 -0.52 19.49
N PRO A 366 11.13 -1.47 20.40
CA PRO A 366 11.77 -2.68 19.90
C PRO A 366 10.82 -3.59 19.15
N VAL A 367 11.35 -4.27 18.14
CA VAL A 367 10.63 -5.28 17.41
C VAL A 367 11.09 -6.64 17.93
N ARG A 368 10.14 -7.47 18.33
CA ARG A 368 10.44 -8.78 18.89
C ARG A 368 9.67 -9.85 18.13
N SER A 369 10.09 -11.10 18.31
CA SER A 369 9.45 -12.23 17.65
C SER A 369 8.10 -12.57 18.28
N PRO A 370 7.24 -13.28 17.53
CA PRO A 370 6.03 -13.81 18.17
C PRO A 370 6.33 -14.73 19.36
N GLU A 371 7.41 -15.49 19.29
CA GLU A 371 7.72 -16.44 20.36
C GLU A 371 8.11 -15.71 21.67
N TYR A 372 8.80 -14.58 21.56
CA TYR A 372 9.02 -13.72 22.73
C TYR A 372 7.69 -13.16 23.24
N ALA A 373 6.86 -12.67 22.31
CA ALA A 373 5.57 -12.10 22.67
C ALA A 373 4.74 -13.06 23.52
N LYS A 374 4.75 -14.34 23.15
CA LYS A 374 4.00 -15.37 23.88
C LYS A 374 4.49 -15.65 25.31
N THR A 375 5.72 -15.26 25.63
CA THR A 375 6.21 -15.36 27.01
C THR A 375 5.74 -14.21 27.90
N GLN A 376 5.26 -13.13 27.28
CA GLN A 376 4.89 -11.93 28.03
C GLN A 376 3.39 -11.80 28.29
N ALA A 377 3.05 -11.31 29.48
CA ALA A 377 1.65 -11.11 29.89
C ALA A 377 1.15 -9.74 29.44
N ILE A 378 0.90 -9.62 28.14
CA ILE A 378 0.38 -8.39 27.56
C ILE A 378 -1.13 -8.39 27.71
N ASP A 379 -1.68 -7.22 28.08
CA ASP A 379 -3.12 -7.08 28.27
C ASP A 379 -3.83 -6.62 26.98
N TYR A 380 -3.18 -5.73 26.24
CA TYR A 380 -3.71 -5.17 25.02
C TYR A 380 -2.66 -5.21 23.93
N TYR A 381 -3.05 -5.65 22.73
CA TYR A 381 -2.24 -5.46 21.54
C TYR A 381 -2.87 -4.38 20.69
N LEU A 382 -2.12 -3.32 20.39
CA LEU A 382 -2.53 -2.34 19.40
C LEU A 382 -2.31 -2.97 18.03
N LEU A 383 -3.39 -3.17 17.28
CA LEU A 383 -3.32 -3.92 16.03
C LEU A 383 -2.84 -3.04 14.89
N LEU A 384 -1.54 -3.01 14.67
CA LEU A 384 -0.96 -2.16 13.64
C LEU A 384 -1.20 -2.74 12.24
N ALA A 385 -1.17 -4.06 12.15
CA ALA A 385 -1.44 -4.77 10.89
C ALA A 385 -2.93 -5.06 10.78
N TRP A 386 -3.74 -4.02 10.89
CA TRP A 386 -5.19 -4.14 10.99
C TRP A 386 -5.83 -4.58 9.67
N ASN A 387 -5.11 -4.43 8.56
CA ASN A 387 -5.62 -4.91 7.28
C ASN A 387 -5.69 -6.44 7.22
N TYR A 388 -4.98 -7.12 8.14
CA TYR A 388 -5.08 -8.57 8.29
C TYR A 388 -5.85 -8.96 9.57
N GLY A 389 -6.74 -8.08 10.02
CA GLY A 389 -7.52 -8.31 11.25
C GLY A 389 -8.22 -9.66 11.33
N GLU A 390 -8.81 -10.09 10.22
CA GLU A 390 -9.60 -11.32 10.21
C GLU A 390 -8.72 -12.56 10.37
N GLU A 391 -7.62 -12.63 9.65
CA GLU A 391 -6.66 -13.73 9.73
C GLU A 391 -5.96 -13.77 11.10
N ILE A 392 -5.69 -12.61 11.68
CA ILE A 392 -4.98 -12.52 12.94
C ILE A 392 -5.88 -12.97 14.07
N LEU A 393 -7.09 -12.41 14.12
CA LEU A 393 -8.05 -12.78 15.16
C LEU A 393 -8.40 -14.26 15.10
N ALA A 394 -8.40 -14.83 13.90
CA ALA A 394 -8.73 -16.23 13.69
C ALA A 394 -7.75 -17.18 14.37
N LYS A 395 -6.49 -16.78 14.52
CA LYS A 395 -5.51 -17.62 15.20
C LYS A 395 -5.12 -17.15 16.62
N GLU A 396 -5.77 -16.12 17.15
CA GLU A 396 -5.44 -15.64 18.50
C GLU A 396 -6.48 -16.02 19.57
N GLY A 397 -7.17 -17.13 19.34
CA GLY A 397 -8.07 -17.71 20.33
C GLY A 397 -7.55 -17.80 21.77
N PRO A 398 -6.35 -18.39 21.97
CA PRO A 398 -5.81 -18.55 23.32
C PRO A 398 -5.68 -17.22 24.06
N PHE A 399 -5.07 -16.25 23.41
CA PHE A 399 -4.96 -14.89 23.96
C PHE A 399 -6.33 -14.30 24.31
N LEU A 400 -7.28 -14.42 23.39
CA LEU A 400 -8.61 -13.86 23.59
C LEU A 400 -9.34 -14.56 24.71
N ALA A 401 -9.21 -15.88 24.78
CA ALA A 401 -9.82 -16.67 25.84
C ALA A 401 -9.30 -16.31 27.23
N ASP A 402 -8.00 -16.02 27.32
CA ASP A 402 -7.38 -15.55 28.58
C ASP A 402 -7.76 -14.11 28.96
N GLY A 403 -8.55 -13.42 28.14
CA GLY A 403 -9.00 -12.05 28.43
C GLY A 403 -8.19 -10.95 27.78
N GLY A 404 -7.31 -11.35 26.87
CA GLY A 404 -6.51 -10.39 26.13
C GLY A 404 -7.39 -9.63 25.16
N ARG A 405 -7.00 -8.41 24.86
CA ARG A 405 -7.79 -7.54 24.01
C ARG A 405 -6.93 -6.90 22.94
N PHE A 406 -7.57 -6.54 21.83
CA PHE A 406 -6.94 -5.76 20.78
C PHE A 406 -7.55 -4.36 20.70
N ILE A 407 -6.71 -3.39 20.34
CA ILE A 407 -7.17 -2.05 20.00
C ILE A 407 -7.05 -1.90 18.49
N LEU A 408 -8.18 -1.65 17.83
CA LEU A 408 -8.21 -1.39 16.40
C LEU A 408 -8.25 0.11 16.16
N PRO A 409 -7.36 0.63 15.31
CA PRO A 409 -7.27 2.08 15.11
C PRO A 409 -8.35 2.70 14.20
N ASN A 410 -8.92 1.92 13.29
CA ASN A 410 -9.93 2.48 12.37
C ASN A 410 -11.15 1.55 12.23
N PRO A 411 -12.26 2.05 11.70
CA PRO A 411 -12.47 3.44 11.28
C PRO A 411 -12.32 4.45 12.40
N ARG A 412 -12.85 4.10 13.57
CA ARG A 412 -12.59 4.80 14.82
C ARG A 412 -11.91 3.80 15.76
N PRO A 413 -11.23 4.29 16.81
CA PRO A 413 -10.64 3.35 17.76
C PRO A 413 -11.68 2.49 18.47
N SER A 414 -11.44 1.18 18.50
CA SER A 414 -12.35 0.28 19.20
C SER A 414 -11.59 -0.86 19.90
N ILE A 415 -12.29 -1.56 20.77
CA ILE A 415 -11.76 -2.65 21.53
C ILE A 415 -12.41 -3.95 21.07
N VAL A 416 -11.56 -4.93 20.74
CA VAL A 416 -11.98 -6.30 20.44
C VAL A 416 -11.47 -7.22 21.56
N PRO A 417 -12.33 -8.06 22.15
CA PRO A 417 -13.72 -8.28 21.75
C PRO A 417 -14.67 -7.19 22.24
N PRO A 418 -15.76 -6.92 21.50
CA PRO A 418 -16.77 -5.98 21.95
C PRO A 418 -17.61 -6.56 23.07
N GLY A 419 -18.42 -5.72 23.70
CA GLY A 419 -19.19 -6.11 24.89
C GLY A 419 -20.37 -7.03 24.63
N GLU A 420 -20.81 -7.11 23.38
CA GLU A 420 -21.89 -8.00 23.00
C GLU A 420 -21.60 -8.60 21.64
N HIS A 421 -22.28 -9.71 21.35
CA HIS A 421 -22.10 -10.39 20.08
C HIS A 421 -22.55 -9.48 18.94
N HIS A 422 -21.74 -9.42 17.88
CA HIS A 422 -22.01 -8.56 16.74
C HIS A 422 -22.93 -9.25 15.72
N HIS A 423 -24.21 -8.93 15.78
CA HIS A 423 -25.19 -9.38 14.78
C HIS A 423 -26.31 -8.34 14.63
N HIS A 424 -26.16 -7.46 13.63
CA HIS A 424 -27.11 -6.39 13.36
C HIS A 424 -27.46 -6.33 11.87
ZN ZN B . -4.44 16.53 -10.92
N SAH C . 4.16 -5.58 -5.55
CA SAH C . 4.55 -5.60 -4.09
CB SAH C . 4.22 -4.27 -3.38
CG SAH C . 5.43 -3.48 -2.88
SD SAH C . 5.64 -2.00 -3.85
C SAH C . 3.82 -6.74 -3.44
O SAH C . 4.43 -7.68 -2.90
OXT SAH C . 2.58 -6.77 -3.42
C5' SAH C . 7.36 -1.84 -3.87
C4' SAH C . 7.90 -2.90 -4.81
O4' SAH C . 7.91 -2.38 -6.14
C3' SAH C . 9.32 -3.23 -4.43
O3' SAH C . 9.60 -4.59 -4.72
C2' SAH C . 10.09 -2.20 -5.26
O2' SAH C . 11.43 -2.59 -5.52
C1' SAH C . 9.25 -2.12 -6.53
N9 SAH C . 9.30 -0.82 -7.23
C8 SAH C . 9.32 0.42 -6.69
N7 SAH C . 9.33 1.36 -7.67
C5 SAH C . 9.32 0.72 -8.86
C6 SAH C . 9.33 1.11 -10.27
N6 SAH C . 9.35 2.42 -10.62
N1 SAH C . 9.30 0.13 -11.21
C2 SAH C . 9.28 -1.18 -10.87
N3 SAH C . 9.27 -1.61 -9.59
C4 SAH C . 9.29 -0.71 -8.56
C ACT D . 0.53 -13.74 20.83
O ACT D . 0.11 -14.79 20.31
OXT ACT D . 0.23 -13.40 22.00
CH3 ACT D . 1.43 -12.87 20.01
CL CL E . 2.37 -0.05 -0.55
#